data_5DH6
#
_entry.id   5DH6
#
_cell.length_a   81.405
_cell.length_b   85.964
_cell.length_c   102.969
_cell.angle_alpha   90.00
_cell.angle_beta   90.00
_cell.angle_gamma   90.00
#
_symmetry.space_group_name_H-M   'C 2 2 21'
#
loop_
_entity.id
_entity.type
_entity.pdbx_description
1 polymer 'hammerhead ribozyme'
2 polymer "5'-R(*GP*GP*GP*CP*GP*U)-D(P*C)-R(P*UP*GP*GP*GP*CP*AP*GP*UP*AP*CP*CP*CP*A)-3'"
3 non-polymer 'MAGNESIUM ION'
4 water water
#
loop_
_entity_poly.entity_id
_entity_poly.type
_entity_poly.pdbx_seq_one_letter_code
_entity_poly.pdbx_strand_id
1 'polyribonucleotide' GGGUACUUAAGCCCACUGAUGAGUCGCUGGGAUGCGACAAAACGCCCA A
2 'polydeoxyribonucleotide/polyribonucleotide hybrid' GGGCGU(DC)UGGGCAGUACCCA B
#
loop_
_chem_comp.id
_chem_comp.type
_chem_comp.name
_chem_comp.formula
A RNA linking ADENOSINE-5'-MONOPHOSPHATE 'C10 H14 N5 O7 P'
C RNA linking CYTIDINE-5'-MONOPHOSPHATE 'C9 H14 N3 O8 P'
DC DNA linking 2'-DEOXYCYTIDINE-5'-MONOPHOSPHATE 'C9 H14 N3 O7 P'
G RNA linking GUANOSINE-5'-MONOPHOSPHATE 'C10 H14 N5 O8 P'
MG non-polymer 'MAGNESIUM ION' 'Mg 2'
U RNA linking URIDINE-5'-MONOPHOSPHATE 'C9 H13 N2 O9 P'
#
# COMPACT_ATOMS: atom_id res chain seq x y z
MG MG C . 9.57 11.59 -8.84
MG MG D . 0.42 20.76 -6.92
MG MG E . -1.67 -14.28 8.26
MG MG F . -2.27 1.90 -0.79
MG MG G . -6.05 -19.96 8.29
#